data_2R50
#
_entry.id   2R50
#
_cell.length_a   50.754
_cell.length_b   89.734
_cell.length_c   157.424
_cell.angle_alpha   90.000
_cell.angle_beta   90.000
_cell.angle_gamma   90.000
#
_symmetry.space_group_name_H-M   'P 21 21 21'
#
loop_
_entity.id
_entity.type
_entity.pdbx_description
1 polymer 'Non-symbiotic hemoglobin'
2 non-polymer 'PROTOPORPHYRIN IX CONTAINING FE'
3 non-polymer 'SULFATE ION'
4 non-polymer 'ACETIC ACID'
5 water water
#
_entity_poly.entity_id   1
_entity_poly.type   'polypeptide(L)'
_entity_poly.pdbx_seq_one_letter_code
;MALAEADDGAVVFGEEQEALVLKSWAVMKKDAANLGLRFFLKVFEIAPSAKQMFSFLRDSDVPLEKNPKLKTHAMSVFVM
TCEAAAQLRKAGKVTVRETTLKRLGATHLRYGVADGHFEVTGFALLETIKEALPADMWSLEMKKAWAEAYSQLVAAIKRE
MKPDA
;
_entity_poly.pdbx_strand_id   A,B,C,D
#
# COMPACT_ATOMS: atom_id res chain seq x y z
N VAL A 11 15.46 -27.70 -14.81
CA VAL A 11 14.25 -26.90 -15.22
C VAL A 11 13.21 -27.81 -15.88
N VAL A 12 11.98 -27.32 -15.97
CA VAL A 12 10.86 -28.05 -16.59
C VAL A 12 10.44 -29.15 -15.64
N PHE A 13 9.41 -28.89 -14.84
CA PHE A 13 8.95 -29.89 -13.88
C PHE A 13 8.50 -31.20 -14.62
N GLY A 14 9.31 -32.25 -14.58
CA GLY A 14 8.95 -33.55 -15.14
C GLY A 14 8.75 -34.69 -14.12
N GLU A 15 8.89 -35.94 -14.56
CA GLU A 15 8.70 -37.11 -13.74
C GLU A 15 9.55 -37.17 -12.46
N GLU A 16 10.83 -36.90 -12.63
CA GLU A 16 11.77 -37.02 -11.53
C GLU A 16 11.39 -36.11 -10.37
N GLN A 17 11.22 -34.82 -10.66
CA GLN A 17 10.89 -33.80 -9.69
C GLN A 17 9.57 -34.17 -8.96
N GLU A 18 8.57 -34.65 -9.69
CA GLU A 18 7.30 -35.06 -9.08
C GLU A 18 7.54 -36.16 -8.04
N ALA A 19 8.22 -37.22 -8.49
CA ALA A 19 8.53 -38.33 -7.61
C ALA A 19 9.22 -37.91 -6.30
N LEU A 20 10.15 -36.98 -6.38
CA LEU A 20 10.78 -36.50 -5.18
C LEU A 20 9.77 -35.87 -4.18
N VAL A 21 8.79 -35.14 -4.70
CA VAL A 21 7.85 -34.41 -3.88
C VAL A 21 6.87 -35.39 -3.27
N LEU A 22 6.36 -36.29 -4.09
CA LEU A 22 5.36 -37.26 -3.67
C LEU A 22 5.92 -38.20 -2.63
N LYS A 23 7.08 -38.77 -2.92
CA LYS A 23 7.74 -39.68 -2.00
C LYS A 23 8.06 -39.03 -0.64
N SER A 24 8.64 -37.84 -0.69
CA SER A 24 8.94 -37.16 0.51
C SER A 24 7.70 -36.83 1.25
N TRP A 25 6.65 -36.42 0.54
CA TRP A 25 5.40 -36.04 1.18
C TRP A 25 4.74 -37.26 1.88
N ALA A 26 4.88 -38.44 1.31
CA ALA A 26 4.38 -39.68 1.88
C ALA A 26 5.10 -39.97 3.20
N VAL A 27 6.37 -39.61 3.31
CA VAL A 27 7.09 -39.75 4.58
C VAL A 27 6.61 -38.71 5.60
N MET A 28 6.49 -37.47 5.18
CA MET A 28 6.23 -36.34 6.13
C MET A 28 4.78 -36.32 6.58
N LYS A 29 3.90 -36.78 5.69
CA LYS A 29 2.46 -36.90 5.95
C LYS A 29 2.13 -37.58 7.30
N LYS A 30 2.91 -38.59 7.62
CA LYS A 30 2.79 -39.33 8.90
C LYS A 30 2.85 -38.48 10.15
N ASP A 31 3.60 -37.36 10.14
CA ASP A 31 3.66 -36.43 11.26
C ASP A 31 3.11 -35.03 10.87
N ALA A 32 2.06 -35.00 10.05
CA ALA A 32 1.59 -33.75 9.41
C ALA A 32 1.15 -32.66 10.43
N ALA A 33 0.54 -33.06 11.52
CA ALA A 33 0.15 -32.10 12.55
C ALA A 33 1.36 -31.38 13.11
N ASN A 34 2.28 -32.12 13.70
CA ASN A 34 3.54 -31.52 14.17
C ASN A 34 4.29 -30.79 13.04
N LEU A 35 4.15 -31.27 11.82
CA LEU A 35 4.80 -30.68 10.67
C LEU A 35 4.36 -29.26 10.35
N GLY A 36 3.04 -29.10 10.25
CA GLY A 36 2.45 -27.84 9.89
C GLY A 36 2.66 -26.83 10.97
N LEU A 37 2.62 -27.24 12.21
CA LEU A 37 2.85 -26.30 13.29
C LEU A 37 4.26 -25.76 13.26
N ARG A 38 5.21 -26.63 13.10
CA ARG A 38 6.62 -26.26 12.99
C ARG A 38 6.85 -25.32 11.83
N PHE A 39 6.12 -25.61 10.75
CA PHE A 39 6.21 -24.88 9.52
C PHE A 39 5.83 -23.39 9.75
N PHE A 40 4.65 -23.10 10.28
CA PHE A 40 4.22 -21.75 10.49
C PHE A 40 4.86 -21.05 11.70
N LEU A 41 5.51 -21.82 12.57
CA LEU A 41 6.20 -21.25 13.69
C LEU A 41 7.43 -20.62 13.17
N LYS A 42 8.06 -21.29 12.25
CA LYS A 42 9.19 -20.74 11.52
C LYS A 42 8.74 -19.52 10.78
N VAL A 43 7.58 -19.58 10.13
CA VAL A 43 7.09 -18.43 9.43
C VAL A 43 6.97 -17.21 10.37
N PHE A 44 6.33 -17.39 11.55
CA PHE A 44 6.14 -16.33 12.48
C PHE A 44 7.40 -15.84 13.18
N GLU A 45 8.39 -16.71 13.28
CA GLU A 45 9.66 -16.40 13.80
C GLU A 45 10.43 -15.42 12.86
N ILE A 46 10.38 -15.71 11.56
CA ILE A 46 11.02 -14.87 10.56
C ILE A 46 10.24 -13.54 10.41
N ALA A 47 8.91 -13.60 10.43
CA ALA A 47 8.10 -12.42 10.22
C ALA A 47 6.88 -12.34 11.16
N PRO A 48 7.10 -11.94 12.46
CA PRO A 48 6.03 -11.89 13.45
C PRO A 48 4.83 -11.07 13.04
N SER A 49 5.02 -10.05 12.23
CA SER A 49 3.95 -9.23 11.74
C SER A 49 2.91 -10.03 10.98
N ALA A 50 3.32 -11.16 10.39
CA ALA A 50 2.43 -12.04 9.69
C ALA A 50 1.33 -12.63 10.60
N LYS A 51 1.52 -12.65 11.91
CA LYS A 51 0.50 -13.25 12.77
C LYS A 51 -0.75 -12.47 12.73
N GLN A 52 -0.64 -11.16 12.63
CA GLN A 52 -1.77 -10.29 12.62
C GLN A 52 -2.66 -10.47 11.39
N MET A 53 -2.27 -11.29 10.42
CA MET A 53 -3.14 -11.58 9.25
C MET A 53 -4.17 -12.65 9.53
N PHE A 54 -3.88 -13.48 10.52
CA PHE A 54 -4.76 -14.54 10.95
C PHE A 54 -5.72 -14.06 12.04
N LEU A 64 -1.99 -20.43 20.35
CA LEU A 64 -1.08 -20.18 19.18
C LEU A 64 -0.63 -21.50 18.50
N GLU A 65 0.08 -22.36 19.23
CA GLU A 65 0.36 -23.72 18.81
C GLU A 65 -0.89 -24.58 18.78
N LYS A 66 -1.82 -24.27 19.67
CA LYS A 66 -3.04 -25.08 19.86
C LYS A 66 -4.20 -24.72 18.88
N ASN A 67 -3.98 -23.75 17.99
CA ASN A 67 -5.03 -23.31 17.09
C ASN A 67 -5.17 -24.19 15.85
N PRO A 68 -6.26 -24.93 15.72
CA PRO A 68 -6.46 -25.84 14.57
C PRO A 68 -6.64 -25.16 13.20
N LYS A 69 -7.18 -23.95 13.18
CA LYS A 69 -7.28 -23.17 11.96
C LYS A 69 -5.87 -22.87 11.38
N LEU A 70 -4.86 -22.75 12.25
CA LEU A 70 -3.51 -22.54 11.83
C LEU A 70 -2.95 -23.78 11.20
N LYS A 71 -3.20 -24.93 11.85
CA LYS A 71 -2.82 -26.24 11.31
C LYS A 71 -3.55 -26.51 10.00
N THR A 72 -4.83 -26.19 9.94
CA THR A 72 -5.59 -26.46 8.73
C THR A 72 -4.91 -25.70 7.56
N HIS A 73 -4.49 -24.48 7.81
CA HIS A 73 -3.82 -23.68 6.78
C HIS A 73 -2.45 -24.25 6.34
N ALA A 74 -1.60 -24.68 7.27
CA ALA A 74 -0.33 -25.25 6.93
C ALA A 74 -0.49 -26.52 6.13
N MET A 75 -1.54 -27.28 6.41
CA MET A 75 -1.82 -28.46 5.64
C MET A 75 -2.13 -28.16 4.16
N SER A 76 -3.00 -27.18 3.95
CA SER A 76 -3.35 -26.71 2.61
C SER A 76 -2.13 -26.32 1.81
N VAL A 77 -1.21 -25.61 2.46
CA VAL A 77 0.05 -25.25 1.76
C VAL A 77 0.83 -26.46 1.26
N PHE A 78 1.00 -27.44 2.12
CA PHE A 78 1.76 -28.64 1.79
C PHE A 78 1.04 -29.46 0.73
N VAL A 79 -0.24 -29.69 1.00
CA VAL A 79 -1.04 -30.50 0.13
C VAL A 79 -1.19 -29.90 -1.28
N MET A 80 -1.57 -28.65 -1.36
CA MET A 80 -1.66 -27.97 -2.66
C MET A 80 -0.35 -27.83 -3.37
N THR A 81 0.78 -27.82 -2.65
CA THR A 81 2.12 -27.71 -3.28
C THR A 81 2.37 -29.07 -3.91
N CYS A 82 1.92 -30.10 -3.20
CA CYS A 82 2.12 -31.45 -3.62
C CYS A 82 1.30 -31.76 -4.88
N GLU A 83 0.12 -31.16 -4.92
CA GLU A 83 -0.80 -31.31 -6.02
C GLU A 83 -0.27 -30.47 -7.18
N ALA A 84 0.36 -29.33 -6.86
CA ALA A 84 0.92 -28.50 -7.91
C ALA A 84 1.95 -29.29 -8.65
N ALA A 85 2.69 -30.11 -7.91
CA ALA A 85 3.66 -30.97 -8.47
C ALA A 85 3.09 -31.95 -9.54
N ALA A 86 1.97 -32.55 -9.21
CA ALA A 86 1.35 -33.53 -10.10
C ALA A 86 0.83 -32.86 -11.39
N GLN A 87 0.19 -31.70 -11.28
CA GLN A 87 -0.33 -30.98 -12.41
C GLN A 87 0.74 -30.34 -13.26
N LEU A 88 1.84 -29.87 -12.68
CA LEU A 88 2.89 -29.28 -13.49
C LEU A 88 3.49 -30.33 -14.45
N ARG A 89 3.56 -31.55 -13.95
CA ARG A 89 4.04 -32.63 -14.74
C ARG A 89 2.96 -33.09 -15.74
N LYS A 90 1.71 -33.25 -15.27
CA LYS A 90 0.61 -33.85 -16.07
C LYS A 90 -0.14 -32.93 -17.03
N ALA A 91 0.09 -31.63 -16.93
CA ALA A 91 -0.74 -30.68 -17.65
C ALA A 91 -0.03 -29.40 -17.99
N GLY A 92 1.26 -29.29 -17.69
CA GLY A 92 2.01 -28.12 -18.07
C GLY A 92 1.83 -26.99 -17.08
N LYS A 93 0.82 -27.06 -16.21
CA LYS A 93 0.77 -26.13 -15.09
C LYS A 93 -0.27 -26.45 -13.98
N VAL A 94 -0.15 -25.73 -12.87
CA VAL A 94 -0.94 -25.87 -11.64
C VAL A 94 -2.43 -25.77 -11.90
N THR A 95 -3.25 -26.40 -11.05
CA THR A 95 -4.70 -26.41 -11.33
C THR A 95 -5.63 -26.02 -10.19
N VAL A 96 -6.87 -25.69 -10.59
CA VAL A 96 -8.02 -25.38 -9.70
C VAL A 96 -8.71 -26.63 -8.96
N ARG A 97 -7.98 -27.32 -8.05
CA ARG A 97 -8.48 -28.57 -7.37
C ARG A 97 -8.56 -28.48 -5.82
N GLU A 98 -9.77 -28.75 -5.29
CA GLU A 98 -10.22 -28.44 -3.87
C GLU A 98 -10.85 -26.98 -3.57
N THR A 99 -10.38 -25.95 -4.35
CA THR A 99 -11.00 -24.60 -4.39
C THR A 99 -10.60 -24.03 -5.75
N THR A 100 -10.34 -22.74 -5.86
CA THR A 100 -9.93 -22.18 -7.14
C THR A 100 -8.80 -21.20 -6.90
N LEU A 101 -8.03 -20.99 -7.96
CA LEU A 101 -7.02 -19.95 -8.01
C LEU A 101 -7.61 -18.58 -7.75
N LYS A 102 -8.83 -18.34 -8.25
CA LYS A 102 -9.46 -17.03 -8.10
C LYS A 102 -9.88 -16.85 -6.67
N ARG A 103 -10.44 -17.90 -6.09
CA ARG A 103 -10.71 -17.87 -4.67
C ARG A 103 -9.43 -17.57 -3.83
N LEU A 104 -8.34 -18.30 -4.09
CA LEU A 104 -7.11 -18.15 -3.38
C LEU A 104 -6.53 -16.74 -3.57
N GLY A 105 -6.52 -16.28 -4.81
CA GLY A 105 -6.10 -14.92 -5.11
C GLY A 105 -6.88 -13.93 -4.29
N ALA A 106 -8.20 -14.03 -4.31
CA ALA A 106 -9.05 -13.09 -3.59
C ALA A 106 -8.89 -13.12 -2.04
N THR A 107 -8.72 -14.30 -1.48
CA THR A 107 -8.49 -14.43 -0.03
C THR A 107 -7.16 -13.78 0.37
N HIS A 108 -6.08 -14.13 -0.34
CA HIS A 108 -4.77 -13.61 0.06
C HIS A 108 -4.64 -12.14 -0.18
N LEU A 109 -5.32 -11.68 -1.21
CA LEU A 109 -5.40 -10.26 -1.43
C LEU A 109 -6.14 -9.55 -0.30
N ARG A 110 -7.34 -10.04 0.00
CA ARG A 110 -8.11 -9.48 1.08
C ARG A 110 -7.39 -9.44 2.44
N TYR A 111 -6.45 -10.36 2.69
CA TYR A 111 -5.65 -10.30 3.93
C TYR A 111 -4.30 -9.66 3.83
N GLY A 112 -3.97 -9.06 2.69
CA GLY A 112 -2.79 -8.25 2.63
C GLY A 112 -1.50 -9.04 2.49
N VAL A 113 -1.54 -10.18 1.82
CA VAL A 113 -0.39 -11.04 1.71
C VAL A 113 0.42 -10.58 0.56
N ALA A 114 1.68 -10.18 0.78
CA ALA A 114 2.54 -9.66 -0.29
C ALA A 114 3.56 -10.70 -0.76
N ASP A 115 4.33 -10.37 -1.81
CA ASP A 115 5.31 -11.29 -2.34
C ASP A 115 6.22 -11.75 -1.25
N GLY A 116 6.72 -10.84 -0.47
CA GLY A 116 7.62 -11.17 0.57
C GLY A 116 7.03 -12.13 1.61
N HIS A 117 5.75 -12.11 1.82
CA HIS A 117 5.15 -13.08 2.71
C HIS A 117 5.16 -14.48 2.13
N PHE A 118 4.96 -14.54 0.81
CA PHE A 118 4.93 -15.81 0.09
C PHE A 118 6.31 -16.41 0.08
N GLU A 119 7.32 -15.54 -0.05
CA GLU A 119 8.69 -15.96 -0.14
C GLU A 119 9.17 -16.49 1.18
N VAL A 120 8.82 -15.78 2.28
CA VAL A 120 9.24 -16.16 3.63
C VAL A 120 8.68 -17.58 3.91
N THR A 121 7.45 -17.77 3.44
CA THR A 121 6.72 -19.02 3.69
C THR A 121 7.36 -20.14 2.87
N GLY A 122 7.85 -19.78 1.69
CA GLY A 122 8.56 -20.80 0.95
C GLY A 122 9.90 -21.18 1.54
N PHE A 123 10.62 -20.20 2.05
CA PHE A 123 11.89 -20.44 2.71
C PHE A 123 11.59 -21.33 3.92
N ALA A 124 10.57 -20.98 4.67
CA ALA A 124 10.21 -21.73 5.86
C ALA A 124 9.79 -23.12 5.44
N LEU A 125 9.16 -23.20 4.30
CA LEU A 125 8.81 -24.57 3.84
C LEU A 125 9.97 -25.53 3.65
N LEU A 126 10.96 -25.13 2.91
CA LEU A 126 12.11 -25.93 2.61
C LEU A 126 12.92 -26.22 3.89
N GLU A 127 12.97 -25.22 4.75
CA GLU A 127 13.63 -25.33 6.05
C GLU A 127 12.97 -26.42 6.89
N THR A 128 11.64 -26.46 6.86
CA THR A 128 10.87 -27.40 7.66
C THR A 128 11.00 -28.82 7.06
N ILE A 129 10.98 -28.94 5.75
CA ILE A 129 11.14 -30.21 5.06
C ILE A 129 12.52 -30.80 5.32
N LYS A 130 13.56 -29.98 5.31
CA LYS A 130 14.89 -30.46 5.54
C LYS A 130 15.09 -30.98 7.00
N GLU A 131 14.44 -30.33 7.96
CA GLU A 131 14.42 -30.78 9.33
C GLU A 131 13.57 -32.06 9.55
N ALA A 132 12.56 -32.32 8.72
CA ALA A 132 11.67 -33.46 9.02
C ALA A 132 12.05 -34.72 8.28
N LEU A 133 12.81 -34.59 7.19
CA LEU A 133 13.16 -35.71 6.33
C LEU A 133 14.45 -36.41 6.80
N PRO A 134 14.60 -37.69 6.46
CA PRO A 134 15.85 -38.36 6.72
C PRO A 134 16.95 -37.59 6.04
N ALA A 135 18.13 -37.46 6.65
CA ALA A 135 19.22 -36.78 5.96
C ALA A 135 19.54 -37.46 4.63
N ASP A 136 19.27 -38.75 4.60
CA ASP A 136 19.51 -39.56 3.42
C ASP A 136 18.66 -39.16 2.26
N MET A 137 17.45 -38.71 2.54
CA MET A 137 16.53 -38.23 1.49
C MET A 137 16.75 -36.79 1.02
N TRP A 138 17.30 -35.94 1.88
CA TRP A 138 17.46 -34.53 1.51
C TRP A 138 18.50 -34.42 0.48
N SER A 139 18.31 -33.53 -0.44
CA SER A 139 19.31 -33.31 -1.49
C SER A 139 19.06 -31.97 -2.13
N LEU A 140 19.99 -31.51 -2.94
CA LEU A 140 19.84 -30.28 -3.66
C LEU A 140 18.69 -30.48 -4.66
N GLU A 141 18.55 -31.67 -5.19
CA GLU A 141 17.51 -31.92 -6.15
C GLU A 141 16.11 -31.94 -5.46
N MET A 142 16.05 -32.45 -4.24
CA MET A 142 14.82 -32.52 -3.51
C MET A 142 14.46 -31.08 -3.18
N LYS A 143 15.43 -30.32 -2.77
CA LYS A 143 15.20 -28.91 -2.47
C LYS A 143 14.60 -28.16 -3.64
N LYS A 144 15.16 -28.37 -4.83
CA LYS A 144 14.69 -27.74 -5.99
C LYS A 144 13.32 -28.16 -6.37
N ALA A 145 12.99 -29.43 -6.27
CA ALA A 145 11.66 -29.90 -6.66
C ALA A 145 10.53 -29.19 -5.88
N TRP A 146 10.68 -29.12 -4.57
CA TRP A 146 9.70 -28.47 -3.73
C TRP A 146 9.71 -26.97 -4.00
N ALA A 147 10.87 -26.40 -4.23
CA ALA A 147 10.92 -24.99 -4.47
C ALA A 147 10.20 -24.57 -5.71
N GLU A 148 10.28 -25.41 -6.74
CA GLU A 148 9.70 -25.13 -8.03
C GLU A 148 8.18 -25.31 -7.96
N ALA A 149 7.71 -26.44 -7.47
CA ALA A 149 6.31 -26.66 -7.30
C ALA A 149 5.60 -25.55 -6.41
N TYR A 150 6.26 -25.15 -5.31
CA TYR A 150 5.75 -24.01 -4.50
C TYR A 150 5.83 -22.68 -5.28
N SER A 151 6.96 -22.44 -5.94
CA SER A 151 7.12 -21.19 -6.69
C SER A 151 5.99 -21.02 -7.74
N GLN A 152 5.72 -22.10 -8.46
CA GLN A 152 4.72 -22.13 -9.50
C GLN A 152 3.27 -22.03 -8.97
N LEU A 153 2.96 -22.70 -7.85
CA LEU A 153 1.69 -22.44 -7.17
C LEU A 153 1.48 -20.92 -6.76
N VAL A 154 2.45 -20.35 -6.11
CA VAL A 154 2.33 -18.98 -5.71
C VAL A 154 2.14 -18.16 -6.95
N ALA A 155 2.96 -18.36 -7.96
CA ALA A 155 2.78 -17.59 -9.22
C ALA A 155 1.36 -17.65 -9.77
N ALA A 156 0.76 -18.80 -9.82
CA ALA A 156 -0.63 -18.92 -10.27
C ALA A 156 -1.56 -18.09 -9.39
N ILE A 157 -1.37 -18.16 -8.06
CA ILE A 157 -2.27 -17.51 -7.08
C ILE A 157 -2.17 -15.98 -7.31
N LYS A 158 -0.95 -15.46 -7.36
CA LYS A 158 -0.70 -14.00 -7.56
C LYS A 158 -1.34 -13.46 -8.87
N ARG A 159 -1.47 -14.33 -9.85
CA ARG A 159 -2.12 -14.03 -11.11
C ARG A 159 -3.60 -13.63 -10.93
N GLU A 160 -4.26 -14.14 -9.89
CA GLU A 160 -5.59 -13.74 -9.55
C GLU A 160 -5.65 -12.77 -8.38
N MET A 161 -4.56 -12.07 -8.12
CA MET A 161 -4.48 -11.01 -7.15
C MET A 161 -4.20 -9.72 -7.89
N LYS A 162 -4.10 -9.80 -9.19
CA LYS A 162 -4.01 -8.66 -10.10
C LYS A 162 -4.97 -8.85 -11.32
N PRO A 163 -5.14 -7.77 -12.07
CA PRO A 163 -5.89 -7.81 -13.34
C PRO A 163 -5.16 -8.61 -14.41
N ASP A 164 -5.89 -9.42 -15.20
CA ASP A 164 -5.31 -10.13 -16.37
C ASP A 164 -4.62 -9.19 -17.37
N ALA A 165 -3.30 -9.36 -17.51
CA ALA A 165 -2.56 -8.69 -18.56
C ALA A 165 -3.12 -9.13 -19.92
N VAL B 11 12.08 -0.67 27.70
CA VAL B 11 12.79 -2.00 27.61
C VAL B 11 13.95 -2.26 28.61
N VAL B 12 13.95 -3.43 29.25
CA VAL B 12 15.03 -3.81 30.19
C VAL B 12 16.23 -4.42 29.50
N PHE B 13 17.40 -3.86 29.69
CA PHE B 13 18.59 -4.30 28.99
C PHE B 13 19.79 -4.19 29.96
N GLY B 14 20.16 -5.34 30.48
CA GLY B 14 21.23 -5.41 31.45
C GLY B 14 22.63 -5.18 30.93
N GLU B 15 23.58 -5.18 31.86
CA GLU B 15 24.99 -5.15 31.51
C GLU B 15 25.47 -6.44 30.85
N GLU B 16 24.86 -7.54 31.23
CA GLU B 16 25.25 -8.81 30.70
C GLU B 16 24.85 -8.82 29.23
N GLN B 17 23.74 -8.19 28.91
CA GLN B 17 23.18 -8.25 27.59
C GLN B 17 24.04 -7.44 26.68
N GLU B 18 24.38 -6.26 27.17
CA GLU B 18 25.29 -5.36 26.43
C GLU B 18 26.63 -6.01 26.20
N ALA B 19 27.13 -6.79 27.17
CA ALA B 19 28.43 -7.34 27.07
C ALA B 19 28.41 -8.41 25.98
N LEU B 20 27.34 -9.21 26.00
CA LEU B 20 27.22 -10.27 25.03
C LEU B 20 27.29 -9.69 23.59
N VAL B 21 26.55 -8.63 23.35
CA VAL B 21 26.59 -7.93 22.04
C VAL B 21 27.93 -7.34 21.71
N LEU B 22 28.52 -6.62 22.65
CA LEU B 22 29.83 -5.96 22.37
C LEU B 22 31.00 -6.93 22.08
N LYS B 23 31.20 -7.88 22.97
CA LYS B 23 32.26 -8.89 22.77
C LYS B 23 32.05 -9.65 21.41
N SER B 24 30.82 -10.12 21.13
CA SER B 24 30.58 -10.84 19.90
C SER B 24 30.88 -9.94 18.74
N TRP B 25 30.58 -8.66 18.83
CA TRP B 25 30.80 -7.73 17.74
C TRP B 25 32.31 -7.49 17.53
N ALA B 26 33.06 -7.38 18.65
CA ALA B 26 34.52 -7.28 18.63
C ALA B 26 35.17 -8.45 17.88
N VAL B 27 34.55 -9.60 17.92
CA VAL B 27 35.02 -10.78 17.20
C VAL B 27 34.68 -10.67 15.68
N MET B 28 33.40 -10.45 15.38
CA MET B 28 32.90 -10.52 13.99
C MET B 28 33.39 -9.39 13.10
N LYS B 29 33.55 -8.23 13.67
CA LYS B 29 34.02 -6.99 13.03
C LYS B 29 35.41 -7.10 12.33
N LYS B 30 36.25 -8.01 12.77
CA LYS B 30 37.56 -8.34 12.11
C LYS B 30 37.36 -8.96 10.71
N ASP B 31 36.13 -9.37 10.40
CA ASP B 31 35.76 -9.90 9.07
C ASP B 31 34.40 -9.29 8.60
N ALA B 32 34.25 -7.99 8.83
CA ALA B 32 32.96 -7.33 8.72
C ALA B 32 32.43 -7.34 7.29
N ALA B 33 33.34 -7.31 6.34
CA ALA B 33 33.03 -7.36 4.91
C ALA B 33 32.40 -8.70 4.47
N ASN B 34 33.05 -9.80 4.84
CA ASN B 34 32.53 -11.13 4.59
C ASN B 34 31.17 -11.38 5.33
N LEU B 35 31.09 -10.83 6.54
CA LEU B 35 29.94 -10.90 7.40
C LEU B 35 28.75 -10.20 6.71
N GLY B 36 28.99 -9.02 6.20
CA GLY B 36 27.98 -8.23 5.54
C GLY B 36 27.42 -8.88 4.32
N LEU B 37 28.28 -9.49 3.52
CA LEU B 37 27.84 -10.24 2.38
C LEU B 37 26.93 -11.43 2.77
N ARG B 38 27.35 -12.22 3.76
CA ARG B 38 26.54 -13.35 4.22
C ARG B 38 25.21 -12.84 4.67
N PHE B 39 25.22 -11.66 5.23
CA PHE B 39 24.07 -11.09 5.83
C PHE B 39 23.04 -10.86 4.70
N PHE B 40 23.44 -10.11 3.67
CA PHE B 40 22.59 -9.84 2.52
C PHE B 40 22.21 -11.06 1.73
N LEU B 41 23.07 -12.06 1.61
CA LEU B 41 22.73 -13.24 0.86
C LEU B 41 21.61 -13.98 1.60
N LYS B 42 21.68 -14.00 2.94
CA LYS B 42 20.66 -14.62 3.76
C LYS B 42 19.34 -13.89 3.63
N VAL B 43 19.40 -12.56 3.66
CA VAL B 43 18.18 -11.78 3.51
C VAL B 43 17.49 -12.07 2.11
N PHE B 44 18.27 -12.11 1.05
CA PHE B 44 17.74 -12.26 -0.30
C PHE B 44 17.31 -13.68 -0.63
N GLU B 45 17.89 -14.62 0.09
CA GLU B 45 17.51 -16.00 -0.01
C GLU B 45 16.10 -16.22 0.61
N ILE B 46 15.82 -15.48 1.69
CA ILE B 46 14.55 -15.61 2.42
C ILE B 46 13.46 -14.82 1.70
N ALA B 47 13.85 -13.70 1.15
CA ALA B 47 12.98 -12.86 0.37
C ALA B 47 13.72 -12.23 -0.81
N PRO B 48 13.78 -12.96 -1.92
CA PRO B 48 14.34 -12.45 -3.19
C PRO B 48 13.76 -11.07 -3.61
N SER B 49 12.48 -10.83 -3.39
CA SER B 49 11.91 -9.52 -3.75
C SER B 49 12.55 -8.28 -3.11
N ALA B 50 13.39 -8.43 -2.08
CA ALA B 50 13.93 -7.25 -1.45
C ALA B 50 15.16 -6.84 -2.18
N LYS B 51 15.70 -7.75 -2.97
CA LYS B 51 16.86 -7.48 -3.82
C LYS B 51 16.55 -6.33 -4.79
N GLN B 52 15.34 -6.29 -5.30
CA GLN B 52 14.95 -5.25 -6.22
C GLN B 52 15.00 -3.85 -5.62
N MET B 53 15.03 -3.75 -4.29
CA MET B 53 15.05 -2.44 -3.60
C MET B 53 16.38 -1.76 -3.72
N PHE B 54 17.41 -2.53 -4.02
CA PHE B 54 18.77 -1.99 -4.25
C PHE B 54 19.05 -1.69 -5.75
N SER B 55 18.81 -2.64 -6.65
CA SER B 55 18.98 -2.36 -8.07
C SER B 55 20.38 -1.81 -8.47
N GLU B 65 27.16 -9.97 -3.69
CA GLU B 65 28.65 -9.82 -3.81
C GLU B 65 28.71 -8.55 -4.54
N LYS B 66 27.99 -8.55 -5.67
CA LYS B 66 27.81 -7.37 -6.49
C LYS B 66 27.61 -6.12 -5.57
N ASN B 67 28.49 -5.09 -5.65
CA ASN B 67 28.21 -3.73 -5.09
C ASN B 67 28.62 -3.55 -3.62
N PRO B 68 29.74 -2.85 -3.32
CA PRO B 68 30.16 -2.41 -1.96
C PRO B 68 29.30 -1.33 -1.28
N LYS B 69 28.29 -0.84 -1.99
CA LYS B 69 27.22 -0.14 -1.34
C LYS B 69 26.51 -1.07 -0.28
N LEU B 70 26.46 -2.37 -0.56
CA LEU B 70 25.92 -3.34 0.37
C LEU B 70 26.77 -3.48 1.58
N LYS B 71 28.08 -3.28 1.40
CA LYS B 71 28.98 -3.35 2.53
C LYS B 71 28.72 -2.26 3.56
N THR B 72 28.61 -1.06 3.06
CA THR B 72 28.27 0.11 3.86
C THR B 72 26.95 -0.03 4.57
N HIS B 73 25.94 -0.49 3.86
CA HIS B 73 24.67 -0.74 4.46
C HIS B 73 24.71 -1.82 5.59
N ALA B 74 25.22 -3.00 5.27
CA ALA B 74 25.28 -4.12 6.18
C ALA B 74 26.03 -3.71 7.45
N MET B 75 27.15 -3.02 7.26
CA MET B 75 27.90 -2.48 8.38
C MET B 75 27.13 -1.50 9.26
N SER B 76 26.29 -0.63 8.67
CA SER B 76 25.41 0.25 9.44
C SER B 76 24.47 -0.53 10.33
N VAL B 77 23.93 -1.60 9.82
CA VAL B 77 23.04 -2.40 10.60
C VAL B 77 23.80 -2.89 11.84
N PHE B 78 24.91 -3.57 11.61
CA PHE B 78 25.72 -4.11 12.68
C PHE B 78 26.18 -3.03 13.66
N VAL B 79 26.74 -1.95 13.11
CA VAL B 79 27.26 -0.86 13.95
C VAL B 79 26.19 -0.16 14.82
N MET B 80 25.07 0.24 14.23
CA MET B 80 24.04 0.91 14.99
C MET B 80 23.32 -0.07 15.91
N THR B 81 23.15 -1.32 15.53
CA THR B 81 22.49 -2.26 16.39
C THR B 81 23.37 -2.47 17.64
N CYS B 82 24.71 -2.52 17.45
CA CYS B 82 25.66 -2.67 18.55
C CYS B 82 25.72 -1.36 19.38
N GLU B 83 25.54 -0.23 18.74
CA GLU B 83 25.43 1.03 19.44
C GLU B 83 24.13 1.15 20.23
N ALA B 84 23.05 0.59 19.71
CA ALA B 84 21.75 0.64 20.38
C ALA B 84 21.80 -0.20 21.65
N ALA B 85 22.48 -1.32 21.59
CA ALA B 85 22.66 -2.16 22.75
C ALA B 85 23.25 -1.39 23.96
N ALA B 86 24.20 -0.49 23.70
CA ALA B 86 24.82 0.31 24.70
C ALA B 86 23.91 1.42 25.17
N GLN B 87 23.24 2.08 24.24
CA GLN B 87 22.32 3.14 24.56
C GLN B 87 21.19 2.59 25.41
N LEU B 88 20.76 1.39 25.11
CA LEU B 88 19.64 0.81 25.87
C LEU B 88 20.07 0.51 27.30
N ARG B 89 21.33 0.19 27.49
CA ARG B 89 21.78 -0.23 28.80
C ARG B 89 22.04 0.98 29.70
N LYS B 90 22.63 2.04 29.15
CA LYS B 90 22.93 3.21 29.93
C LYS B 90 21.84 4.25 29.95
N ALA B 91 21.11 4.40 28.85
CA ALA B 91 20.06 5.39 28.67
C ALA B 91 18.68 4.87 28.97
N GLY B 92 18.47 3.57 28.76
CA GLY B 92 17.14 2.96 28.92
C GLY B 92 16.32 3.07 27.66
N LYS B 93 16.96 3.52 26.58
CA LYS B 93 16.28 3.63 25.30
C LYS B 93 17.29 3.96 24.21
N VAL B 94 16.90 3.78 22.96
CA VAL B 94 17.81 4.06 21.84
C VAL B 94 17.93 5.56 21.77
N THR B 95 19.13 6.09 21.87
CA THR B 95 19.30 7.56 21.86
C THR B 95 20.11 8.04 20.65
N VAL B 96 19.84 7.45 19.50
CA VAL B 96 20.32 7.98 18.26
C VAL B 96 19.74 9.39 18.09
N ARG B 97 20.47 10.30 17.45
CA ARG B 97 19.97 11.68 17.20
C ARG B 97 18.57 11.58 16.56
N GLU B 98 17.66 12.48 16.90
CA GLU B 98 16.35 12.53 16.28
C GLU B 98 16.44 12.81 14.81
N THR B 99 17.40 13.62 14.41
CA THR B 99 17.60 13.84 12.99
C THR B 99 18.06 12.61 12.22
N THR B 100 18.85 11.73 12.83
CA THR B 100 19.37 10.56 12.17
C THR B 100 18.24 9.60 12.05
N LEU B 101 17.46 9.45 13.13
CA LEU B 101 16.29 8.57 13.09
C LEU B 101 15.29 9.07 12.05
N LYS B 102 15.08 10.39 11.94
CA LYS B 102 14.17 10.97 10.94
C LYS B 102 14.66 10.71 9.54
N ARG B 103 15.95 10.86 9.33
CA ARG B 103 16.51 10.66 8.02
C ARG B 103 16.43 9.15 7.68
N LEU B 104 16.73 8.27 8.65
CA LEU B 104 16.60 6.83 8.44
C LEU B 104 15.13 6.40 8.14
N GLY B 105 14.18 6.99 8.86
CA GLY B 105 12.80 6.76 8.58
C GLY B 105 12.40 7.20 7.18
N ALA B 106 12.83 8.38 6.80
CA ALA B 106 12.46 8.90 5.51
C ALA B 106 13.02 8.09 4.38
N THR B 107 14.26 7.68 4.53
CA THR B 107 14.94 6.88 3.50
C THR B 107 14.26 5.54 3.27
N HIS B 108 13.94 4.81 4.36
CA HIS B 108 13.32 3.47 4.22
C HIS B 108 11.92 3.57 3.70
N LEU B 109 11.19 4.65 4.08
CA LEU B 109 9.83 4.87 3.61
C LEU B 109 9.86 5.06 2.09
N ARG B 110 10.78 5.88 1.67
CA ARG B 110 11.02 6.15 0.30
C ARG B 110 11.36 4.89 -0.55
N TYR B 111 12.11 3.97 0.05
CA TYR B 111 12.48 2.73 -0.64
C TYR B 111 11.47 1.60 -0.45
N GLY B 112 10.36 1.87 0.20
CA GLY B 112 9.32 0.86 0.37
C GLY B 112 9.61 -0.22 1.39
N VAL B 113 10.27 0.11 2.50
CA VAL B 113 10.65 -0.93 3.42
C VAL B 113 9.50 -1.16 4.40
N ALA B 114 8.87 -2.33 4.41
CA ALA B 114 7.79 -2.63 5.37
C ALA B 114 8.32 -3.34 6.63
N ASP B 115 7.41 -3.54 7.58
CA ASP B 115 7.67 -4.28 8.76
C ASP B 115 8.31 -5.58 8.48
N GLY B 116 7.78 -6.28 7.49
CA GLY B 116 8.20 -7.60 7.13
C GLY B 116 9.62 -7.58 6.70
N HIS B 117 10.06 -6.54 6.02
CA HIS B 117 11.42 -6.48 5.56
C HIS B 117 12.37 -6.33 6.75
N PHE B 118 11.99 -5.48 7.70
CA PHE B 118 12.76 -5.34 8.91
C PHE B 118 12.85 -6.67 9.68
N GLU B 119 11.77 -7.39 9.67
CA GLU B 119 11.71 -8.62 10.45
C GLU B 119 12.54 -9.72 9.80
N VAL B 120 12.54 -9.75 8.47
CA VAL B 120 13.31 -10.74 7.75
C VAL B 120 14.82 -10.44 8.03
N THR B 121 15.17 -9.15 8.01
CA THR B 121 16.53 -8.73 8.22
C THR B 121 17.02 -9.00 9.62
N GLY B 122 16.16 -8.84 10.63
CA GLY B 122 16.52 -9.20 11.99
C GLY B 122 16.76 -10.66 12.16
N PHE B 123 15.93 -11.46 11.52
CA PHE B 123 16.08 -12.92 11.52
C PHE B 123 17.40 -13.35 10.86
N ALA B 124 17.71 -12.72 9.74
CA ALA B 124 18.85 -13.04 8.94
C ALA B 124 20.12 -12.67 9.72
N LEU B 125 20.01 -11.59 10.49
CA LEU B 125 21.10 -11.08 11.28
C LEU B 125 21.52 -12.05 12.38
N LEU B 126 20.54 -12.57 13.08
CA LEU B 126 20.70 -13.61 14.03
C LEU B 126 21.19 -14.93 13.40
N GLU B 127 20.78 -15.28 12.20
CA GLU B 127 21.36 -16.45 11.54
C GLU B 127 22.84 -16.21 11.17
N THR B 128 23.10 -15.03 10.66
CA THR B 128 24.41 -14.72 10.28
C THR B 128 25.30 -14.70 11.53
N ILE B 129 24.88 -14.04 12.60
CA ILE B 129 25.68 -14.00 13.80
C ILE B 129 26.00 -15.38 14.29
N LYS B 130 25.01 -16.25 14.34
CA LYS B 130 25.21 -17.61 14.77
C LYS B 130 26.22 -18.39 13.94
N GLU B 131 26.23 -18.14 12.64
CA GLU B 131 27.15 -18.83 11.76
C GLU B 131 28.57 -18.22 11.79
N ALA B 132 28.71 -17.00 12.27
CA ALA B 132 30.05 -16.37 12.41
C ALA B 132 30.76 -16.57 13.77
N LEU B 133 30.01 -17.04 14.74
CA LEU B 133 30.47 -17.23 16.11
C LEU B 133 30.80 -18.70 16.40
N PRO B 134 31.84 -18.96 17.20
CA PRO B 134 32.09 -20.34 17.64
C PRO B 134 30.89 -20.79 18.49
N ALA B 135 30.49 -22.02 18.40
CA ALA B 135 29.30 -22.44 19.09
C ALA B 135 29.31 -22.11 20.55
N ASP B 136 30.49 -22.13 21.16
CA ASP B 136 30.59 -21.91 22.61
C ASP B 136 30.08 -20.53 22.99
N MET B 137 30.25 -19.53 22.12
CA MET B 137 29.77 -18.21 22.52
C MET B 137 28.35 -17.85 22.02
N TRP B 138 27.76 -18.77 21.30
CA TRP B 138 26.37 -18.69 20.96
C TRP B 138 25.49 -19.29 22.08
N SER B 139 24.35 -18.68 22.32
CA SER B 139 23.40 -19.08 23.34
C SER B 139 22.12 -18.30 23.26
N LEU B 140 21.08 -18.82 23.92
CA LEU B 140 19.78 -18.19 23.95
C LEU B 140 19.91 -16.75 24.42
N GLU B 141 20.85 -16.57 25.33
CA GLU B 141 21.16 -15.25 25.86
C GLU B 141 21.75 -14.26 24.84
N MET B 142 22.73 -14.68 24.07
CA MET B 142 23.35 -13.91 22.97
C MET B 142 22.33 -13.54 21.89
N LYS B 143 21.59 -14.54 21.44
CA LYS B 143 20.47 -14.36 20.52
C LYS B 143 19.46 -13.29 20.94
N LYS B 144 18.94 -13.40 22.16
CA LYS B 144 17.97 -12.45 22.68
C LYS B 144 18.51 -11.03 22.86
N ALA B 145 19.79 -10.97 23.16
CA ALA B 145 20.47 -9.72 23.34
C ALA B 145 20.54 -9.00 21.99
N TRP B 146 20.97 -9.70 20.96
CA TRP B 146 21.04 -9.07 19.64
C TRP B 146 19.61 -8.80 19.17
N ALA B 147 18.70 -9.75 19.34
CA ALA B 147 17.32 -9.56 18.92
C ALA B 147 16.70 -8.34 19.53
N GLU B 148 16.98 -8.07 20.82
CA GLU B 148 16.44 -6.87 21.47
C GLU B 148 17.05 -5.59 20.99
N ALA B 149 18.36 -5.51 20.90
CA ALA B 149 18.98 -4.24 20.45
C ALA B 149 18.39 -3.90 19.06
N TYR B 150 18.41 -4.86 18.15
CA TYR B 150 17.99 -4.62 16.75
C TYR B 150 16.52 -4.25 16.70
N SER B 151 15.69 -5.03 17.41
CA SER B 151 14.25 -4.76 17.47
C SER B 151 13.94 -3.38 18.00
N GLN B 152 14.62 -2.97 19.05
CA GLN B 152 14.42 -1.65 19.61
C GLN B 152 14.89 -0.55 18.67
N LEU B 153 15.99 -0.81 17.92
CA LEU B 153 16.44 0.16 16.89
C LEU B 153 15.40 0.34 15.76
N VAL B 154 14.79 -0.76 15.29
CA VAL B 154 13.86 -0.68 14.22
C VAL B 154 12.59 0.06 14.73
N ALA B 155 12.19 -0.10 15.98
CA ALA B 155 11.03 0.56 16.51
C ALA B 155 11.28 2.05 16.49
N ALA B 156 12.50 2.46 16.82
CA ALA B 156 12.84 3.90 16.73
C ALA B 156 12.82 4.44 15.31
N ILE B 157 13.28 3.64 14.38
CA ILE B 157 13.28 4.08 12.96
C ILE B 157 11.82 4.23 12.52
N LYS B 158 11.03 3.19 12.80
CA LYS B 158 9.65 3.14 12.42
C LYS B 158 8.79 4.32 12.84
N ARG B 159 9.12 4.87 13.99
CA ARG B 159 8.39 6.02 14.54
C ARG B 159 8.54 7.23 13.66
N GLU B 160 9.61 7.27 12.89
CA GLU B 160 9.83 8.34 11.95
C GLU B 160 9.41 8.02 10.53
N MET B 161 8.70 6.93 10.31
CA MET B 161 8.24 6.50 9.02
C MET B 161 6.74 6.72 8.98
N LYS B 162 6.17 7.16 10.10
CA LYS B 162 4.79 7.55 10.22
C LYS B 162 4.66 8.86 10.98
N PRO B 163 3.49 9.50 10.95
CA PRO B 163 3.28 10.73 11.75
C PRO B 163 3.42 10.45 13.27
N ASP B 164 3.77 11.45 14.06
CA ASP B 164 3.91 11.27 15.51
C ASP B 164 2.56 11.49 16.21
N ALA B 165 1.43 11.25 15.52
CA ALA B 165 0.07 11.42 16.12
C ALA B 165 -0.14 10.79 17.54
N VAL C 12 7.98 24.88 -21.30
CA VAL C 12 7.17 25.90 -22.08
C VAL C 12 6.26 26.67 -21.14
N PHE C 13 6.74 27.82 -20.65
CA PHE C 13 5.99 28.74 -19.80
C PHE C 13 6.47 30.20 -19.95
N GLY C 14 5.68 31.05 -20.61
CA GLY C 14 6.05 32.43 -20.88
C GLY C 14 5.57 33.45 -19.91
N GLU C 15 5.92 34.69 -20.13
CA GLU C 15 5.58 35.78 -19.24
C GLU C 15 4.05 35.91 -19.18
N GLU C 16 3.38 35.57 -20.27
CA GLU C 16 1.95 35.59 -20.32
C GLU C 16 1.27 34.66 -19.26
N GLN C 17 1.74 33.42 -19.18
CA GLN C 17 1.26 32.47 -18.16
C GLN C 17 1.52 32.94 -16.76
N GLU C 18 2.74 33.37 -16.53
CA GLU C 18 3.14 33.95 -15.26
C GLU C 18 2.24 35.10 -14.88
N ALA C 19 1.93 35.92 -15.85
CA ALA C 19 1.16 37.15 -15.61
C ALA C 19 -0.21 36.81 -15.11
N LEU C 20 -0.80 35.85 -15.79
CA LEU C 20 -2.11 35.40 -15.44
C LEU C 20 -2.12 34.89 -14.01
N VAL C 21 -1.13 34.09 -13.65
CA VAL C 21 -1.06 33.55 -12.28
C VAL C 21 -0.92 34.70 -11.29
N LEU C 22 -0.01 35.62 -11.53
CA LEU C 22 0.32 36.69 -10.56
C LEU C 22 -0.75 37.75 -10.49
N LYS C 23 -1.31 38.09 -11.66
CA LYS C 23 -2.42 39.03 -11.72
C LYS C 23 -3.69 38.48 -11.04
N SER C 24 -3.98 37.21 -11.26
CA SER C 24 -5.12 36.58 -10.54
C SER C 24 -4.87 36.44 -9.04
N TRP C 25 -3.71 35.99 -8.67
CA TRP C 25 -3.40 35.84 -7.27
C TRP C 25 -3.60 37.19 -6.56
N ALA C 26 -3.07 38.27 -7.09
CA ALA C 26 -3.19 39.57 -6.40
C ALA C 26 -4.64 39.90 -6.16
N VAL C 27 -5.46 39.56 -7.12
CA VAL C 27 -6.89 39.69 -7.00
C VAL C 27 -7.35 38.84 -5.84
N MET C 28 -7.08 37.52 -5.88
CA MET C 28 -7.62 36.63 -4.85
C MET C 28 -7.06 36.91 -3.45
N LYS C 29 -5.78 37.22 -3.38
CA LYS C 29 -5.02 37.53 -2.15
C LYS C 29 -5.71 38.56 -1.22
N LYS C 30 -6.58 39.38 -1.80
CA LYS C 30 -7.51 40.27 -1.10
C LYS C 30 -8.71 39.52 -0.45
N ASP C 31 -8.44 38.35 0.14
CA ASP C 31 -9.47 37.42 0.67
C ASP C 31 -8.78 36.06 0.93
N ALA C 32 -7.48 36.09 1.16
CA ALA C 32 -6.65 34.89 1.28
C ALA C 32 -7.08 33.96 2.45
N ALA C 33 -7.61 34.59 3.49
CA ALA C 33 -8.04 33.82 4.65
C ALA C 33 -9.14 32.84 4.18
N ASN C 34 -10.27 33.38 3.75
CA ASN C 34 -11.41 32.56 3.34
C ASN C 34 -11.15 31.73 2.09
N LEU C 35 -10.30 32.24 1.24
CA LEU C 35 -9.94 31.58 0.07
C LEU C 35 -9.29 30.25 0.44
N GLY C 36 -8.45 30.28 1.47
CA GLY C 36 -7.69 29.09 1.83
C GLY C 36 -8.60 28.04 2.43
N LEU C 37 -9.55 28.55 3.17
CA LEU C 37 -10.63 27.78 3.77
C LEU C 37 -11.55 27.11 2.74
N ARG C 38 -11.97 27.86 1.73
CA ARG C 38 -12.83 27.31 0.70
C ARG C 38 -12.13 26.17 -0.05
N PHE C 39 -10.88 26.43 -0.38
CA PHE C 39 -10.01 25.49 -1.07
C PHE C 39 -10.03 24.14 -0.39
N PHE C 40 -9.69 24.08 0.91
CA PHE C 40 -9.61 22.77 1.56
C PHE C 40 -10.94 22.21 2.02
N LEU C 41 -11.92 23.06 2.13
CA LEU C 41 -13.29 22.60 2.27
C LEU C 41 -13.68 21.78 0.99
N LYS C 42 -13.25 22.24 -0.18
CA LYS C 42 -13.62 21.58 -1.42
C LYS C 42 -12.91 20.23 -1.46
N VAL C 43 -11.67 20.20 -1.02
CA VAL C 43 -10.89 18.99 -1.01
C VAL C 43 -11.56 17.93 -0.15
N PHE C 44 -12.04 18.34 1.01
CA PHE C 44 -12.61 17.40 1.93
C PHE C 44 -14.01 16.97 1.50
N GLU C 45 -14.67 17.79 0.70
CA GLU C 45 -15.97 17.41 0.17
C GLU C 45 -15.83 16.30 -0.93
N ILE C 46 -14.79 16.39 -1.75
CA ILE C 46 -14.53 15.39 -2.75
C ILE C 46 -13.94 14.13 -2.17
N ALA C 47 -12.99 14.28 -1.23
CA ALA C 47 -12.37 13.12 -0.57
C ALA C 47 -12.32 13.28 0.95
N PRO C 48 -13.44 13.02 1.64
CA PRO C 48 -13.51 13.20 3.10
C PRO C 48 -12.45 12.45 3.83
N SER C 49 -12.11 11.26 3.36
CA SER C 49 -11.05 10.50 3.98
C SER C 49 -9.68 11.23 4.07
N ALA C 50 -9.46 12.24 3.24
CA ALA C 50 -8.21 13.05 3.31
C ALA C 50 -8.09 13.87 4.59
N LYS C 51 -9.20 13.99 5.33
CA LYS C 51 -9.21 14.68 6.59
C LYS C 51 -8.38 13.98 7.64
N GLN C 52 -8.36 12.66 7.56
CA GLN C 52 -7.62 11.84 8.54
C GLN C 52 -6.12 12.12 8.46
N MET C 53 -5.62 12.51 7.31
CA MET C 53 -4.22 12.99 7.19
C MET C 53 -3.84 14.14 8.13
N PHE C 54 -4.82 14.93 8.56
CA PHE C 54 -4.54 16.03 9.51
C PHE C 54 -5.11 15.83 10.95
N SER C 55 -4.27 15.39 11.87
CA SER C 55 -4.74 14.86 13.16
C SER C 55 -5.38 15.91 14.09
N PHE C 56 -4.71 17.05 14.24
CA PHE C 56 -5.30 18.25 14.89
C PHE C 56 -6.26 17.96 16.07
N LEU C 64 -10.77 22.98 16.27
CA LEU C 64 -12.22 23.34 16.26
C LEU C 64 -12.93 23.06 14.90
N GLU C 65 -12.78 23.98 13.95
CA GLU C 65 -13.38 23.90 12.61
C GLU C 65 -12.45 24.57 11.59
N LYS C 66 -12.38 25.91 11.65
CA LYS C 66 -11.63 26.71 10.67
C LYS C 66 -10.20 26.80 11.14
N ASN C 67 -9.59 25.62 11.26
CA ASN C 67 -8.29 25.46 11.91
C ASN C 67 -7.27 26.33 11.18
N PRO C 68 -6.45 27.09 11.93
CA PRO C 68 -5.34 27.88 11.38
C PRO C 68 -4.23 27.08 10.64
N LYS C 69 -3.73 26.00 11.21
CA LYS C 69 -2.83 25.11 10.49
C LYS C 69 -3.33 24.75 9.09
N LEU C 70 -4.60 24.38 8.99
CA LEU C 70 -5.20 24.01 7.72
C LEU C 70 -5.12 25.19 6.79
N LYS C 71 -5.26 26.39 7.35
CA LYS C 71 -5.09 27.63 6.58
C LYS C 71 -3.69 27.89 6.07
N THR C 72 -2.75 27.79 6.98
CA THR C 72 -1.34 27.95 6.67
C THR C 72 -0.92 26.95 5.62
N HIS C 73 -1.50 25.76 5.63
CA HIS C 73 -1.27 24.77 4.55
C HIS C 73 -1.83 25.18 3.21
N ALA C 74 -3.10 25.55 3.19
CA ALA C 74 -3.78 25.99 1.98
C ALA C 74 -3.04 27.17 1.34
N MET C 75 -2.51 28.08 2.16
CA MET C 75 -1.69 29.21 1.64
C MET C 75 -0.33 28.80 1.09
N SER C 76 0.30 27.80 1.70
CA SER C 76 1.51 27.25 1.14
C SER C 76 1.27 26.75 -0.28
N VAL C 77 0.24 25.93 -0.47
CA VAL C 77 -0.11 25.46 -1.83
C VAL C 77 -0.18 26.65 -2.76
N PHE C 78 -1.00 27.62 -2.41
CA PHE C 78 -1.26 28.76 -3.30
C PHE C 78 0.05 29.52 -3.60
N VAL C 79 0.74 29.89 -2.52
CA VAL C 79 1.94 30.68 -2.63
C VAL C 79 3.00 29.96 -3.43
N MET C 80 3.26 28.69 -3.12
CA MET C 80 4.30 27.94 -3.83
C MET C 80 3.95 27.64 -5.31
N THR C 81 2.66 27.58 -5.59
CA THR C 81 2.26 27.49 -6.94
C THR C 81 2.64 28.75 -7.73
N CYS C 82 2.42 29.91 -7.14
CA CYS C 82 2.84 31.19 -7.74
C CYS C 82 4.35 31.28 -7.99
N GLU C 83 5.15 30.85 -7.00
CA GLU C 83 6.59 30.75 -7.22
C GLU C 83 6.95 29.74 -8.30
N ALA C 84 6.25 28.63 -8.31
CA ALA C 84 6.49 27.67 -9.36
C ALA C 84 6.25 28.37 -10.68
N ALA C 85 5.17 29.15 -10.78
CA ALA C 85 4.90 29.81 -12.05
C ALA C 85 6.08 30.64 -12.49
N ALA C 86 6.52 31.54 -11.61
CA ALA C 86 7.66 32.41 -11.87
C ALA C 86 8.91 31.62 -12.17
N GLN C 87 9.10 30.48 -11.52
CA GLN C 87 10.34 29.78 -11.69
C GLN C 87 10.31 29.08 -13.03
N LEU C 88 9.15 28.66 -13.51
CA LEU C 88 9.05 27.98 -14.79
C LEU C 88 9.34 28.98 -15.88
N ARG C 89 8.93 30.23 -15.67
CA ARG C 89 9.14 31.26 -16.67
C ARG C 89 10.62 31.63 -16.74
N LYS C 90 11.26 31.89 -15.61
CA LYS C 90 12.69 32.26 -15.53
C LYS C 90 13.62 31.12 -15.99
N ALA C 91 13.59 30.01 -15.23
CA ALA C 91 14.52 28.88 -15.41
C ALA C 91 14.00 27.68 -16.24
N GLY C 92 12.76 27.68 -16.68
CA GLY C 92 12.28 26.54 -17.45
C GLY C 92 11.94 25.28 -16.65
N LYS C 93 12.08 25.38 -15.33
CA LYS C 93 11.68 24.34 -14.38
C LYS C 93 11.47 24.92 -12.99
N VAL C 94 10.98 24.10 -12.09
CA VAL C 94 10.83 24.46 -10.73
C VAL C 94 12.20 24.49 -10.00
N THR C 95 12.53 25.64 -9.42
CA THR C 95 13.82 25.80 -8.80
C THR C 95 13.73 25.98 -7.34
N VAL C 96 12.61 25.58 -6.75
CA VAL C 96 12.50 25.56 -5.32
C VAL C 96 13.76 24.94 -4.71
N ARG C 97 14.16 25.47 -3.54
CA ARG C 97 15.35 25.00 -2.80
C ARG C 97 15.32 23.47 -2.82
N GLU C 98 16.38 22.83 -3.29
CA GLU C 98 16.45 21.38 -3.30
C GLU C 98 16.21 20.81 -1.90
N THR C 99 16.58 21.57 -0.88
CA THR C 99 16.38 21.13 0.50
C THR C 99 14.90 21.21 0.88
N THR C 100 14.21 22.27 0.46
CA THR C 100 12.78 22.44 0.72
C THR C 100 11.97 21.37 -0.02
N LEU C 101 12.37 21.03 -1.23
CA LEU C 101 11.74 19.94 -1.96
C LEU C 101 11.89 18.59 -1.28
N LYS C 102 13.03 18.32 -0.65
CA LYS C 102 13.19 17.01 -0.03
C LYS C 102 12.41 16.97 1.27
N ARG C 103 12.31 18.11 1.95
CA ARG C 103 11.48 18.16 3.14
C ARG C 103 10.02 17.96 2.79
N LEU C 104 9.56 18.56 1.69
CA LEU C 104 8.18 18.37 1.20
C LEU C 104 7.96 16.93 0.80
N GLY C 105 8.90 16.37 0.04
CA GLY C 105 8.74 15.00 -0.36
C GLY C 105 8.61 14.07 0.81
N ALA C 106 9.44 14.30 1.81
CA ALA C 106 9.45 13.43 2.97
C ALA C 106 8.14 13.58 3.80
N THR C 107 7.71 14.81 4.05
CA THR C 107 6.48 14.99 4.80
C THR C 107 5.25 14.33 4.16
N HIS C 108 5.08 14.50 2.85
CA HIS C 108 3.90 13.98 2.18
C HIS C 108 3.94 12.51 1.93
N LEU C 109 5.12 11.89 1.88
CA LEU C 109 5.22 10.41 1.81
C LEU C 109 4.81 9.80 3.18
N ARG C 110 5.24 10.48 4.26
CA ARG C 110 4.94 10.11 5.66
C ARG C 110 3.50 10.17 6.01
N TYR C 111 2.78 11.15 5.49
CA TYR C 111 1.36 11.21 5.75
C TYR C 111 0.53 10.45 4.75
N GLY C 112 1.15 9.78 3.79
CA GLY C 112 0.42 8.90 2.88
C GLY C 112 -0.36 9.58 1.74
N VAL C 113 0.20 10.65 1.19
CA VAL C 113 -0.40 11.42 0.12
C VAL C 113 -0.14 10.75 -1.20
N ALA C 114 -1.18 10.21 -1.80
CA ALA C 114 -1.03 9.55 -3.12
C ALA C 114 -1.27 10.48 -4.33
N ASP C 115 -1.09 9.96 -5.52
CA ASP C 115 -1.28 10.74 -6.74
C ASP C 115 -2.71 11.31 -6.80
N GLY C 116 -3.66 10.53 -6.27
CA GLY C 116 -5.04 10.86 -6.23
C GLY C 116 -5.24 12.09 -5.38
N HIS C 117 -4.63 12.14 -4.21
CA HIS C 117 -4.77 13.26 -3.30
C HIS C 117 -4.23 14.53 -3.98
N PHE C 118 -3.07 14.44 -4.60
CA PHE C 118 -2.48 15.60 -5.28
C PHE C 118 -3.42 16.09 -6.39
N GLU C 119 -4.04 15.14 -7.12
CA GLU C 119 -5.03 15.44 -8.17
C GLU C 119 -6.33 16.06 -7.71
N VAL C 120 -6.93 15.56 -6.65
CA VAL C 120 -8.16 16.12 -6.12
C VAL C 120 -7.87 17.60 -5.72
N THR C 121 -6.68 17.85 -5.15
CA THR C 121 -6.27 19.16 -4.72
C THR C 121 -6.09 20.12 -5.88
N GLY C 122 -5.45 19.63 -6.97
CA GLY C 122 -5.33 20.36 -8.15
C GLY C 122 -6.71 20.81 -8.72
N PHE C 123 -7.62 19.84 -8.79
CA PHE C 123 -8.94 20.13 -9.24
C PHE C 123 -9.59 21.10 -8.29
N ALA C 124 -9.49 20.87 -7.00
CA ALA C 124 -10.11 21.81 -6.01
C ALA C 124 -9.48 23.26 -6.05
N LEU C 125 -8.15 23.34 -6.24
CA LEU C 125 -7.50 24.63 -6.44
C LEU C 125 -8.18 25.40 -7.59
N LEU C 126 -8.31 24.74 -8.73
CA LEU C 126 -8.88 25.37 -9.94
C LEU C 126 -10.33 25.85 -9.77
N GLU C 127 -11.16 25.06 -9.14
CA GLU C 127 -12.52 25.46 -8.86
C GLU C 127 -12.56 26.68 -7.93
N THR C 128 -11.71 26.69 -6.93
CA THR C 128 -11.60 27.77 -5.95
C THR C 128 -11.18 29.07 -6.61
N ILE C 129 -10.34 28.99 -7.62
CA ILE C 129 -9.82 30.18 -8.31
C ILE C 129 -10.89 30.72 -9.24
N LYS C 130 -11.58 29.80 -9.92
CA LYS C 130 -12.64 30.16 -10.79
C LYS C 130 -13.74 30.95 -10.08
N GLU C 131 -14.12 30.49 -8.90
CA GLU C 131 -15.07 31.15 -8.06
C GLU C 131 -14.58 32.49 -7.44
N ALA C 132 -13.28 32.70 -7.37
CA ALA C 132 -12.81 33.89 -6.73
C ALA C 132 -12.58 34.97 -7.74
N LEU C 133 -12.70 34.66 -9.02
CA LEU C 133 -12.35 35.58 -10.07
C LEU C 133 -13.60 36.01 -10.84
N PRO C 134 -13.65 37.28 -11.30
CA PRO C 134 -14.77 37.72 -12.14
C PRO C 134 -14.70 36.89 -13.38
N ALA C 135 -15.83 36.64 -14.02
CA ALA C 135 -15.83 35.84 -15.22
C ALA C 135 -14.83 36.27 -16.27
N ASP C 136 -14.50 37.55 -16.34
CA ASP C 136 -13.61 38.09 -17.39
C ASP C 136 -12.11 37.80 -17.21
N MET C 137 -11.70 37.53 -15.99
CA MET C 137 -10.36 37.02 -15.77
C MET C 137 -10.28 35.50 -15.89
N TRP C 138 -11.41 34.81 -16.00
CA TRP C 138 -11.41 33.35 -16.03
C TRP C 138 -11.43 32.96 -17.47
N SER C 139 -10.60 31.99 -17.86
CA SER C 139 -10.50 31.59 -19.25
C SER C 139 -9.70 30.30 -19.28
N LEU C 140 -9.71 29.67 -20.42
CA LEU C 140 -8.95 28.47 -20.61
C LEU C 140 -7.48 28.80 -20.37
N GLU C 141 -6.99 29.92 -20.87
CA GLU C 141 -5.57 30.29 -20.64
C GLU C 141 -5.27 30.45 -19.10
N MET C 142 -6.16 31.06 -18.34
CA MET C 142 -5.95 31.26 -16.95
C MET C 142 -5.81 29.92 -16.23
N LYS C 143 -6.77 29.03 -16.56
CA LYS C 143 -6.85 27.74 -15.98
C LYS C 143 -5.62 26.87 -16.25
N LYS C 144 -5.12 26.94 -17.49
CA LYS C 144 -4.02 26.16 -17.98
C LYS C 144 -2.77 26.63 -17.30
N ALA C 145 -2.67 27.96 -17.08
CA ALA C 145 -1.48 28.52 -16.46
C ALA C 145 -1.39 28.01 -14.99
N TRP C 146 -2.48 28.06 -14.27
CA TRP C 146 -2.48 27.57 -12.88
C TRP C 146 -2.23 26.08 -12.82
N ALA C 147 -2.85 25.29 -13.73
CA ALA C 147 -2.78 23.83 -13.72
C ALA C 147 -1.41 23.32 -14.02
N GLU C 148 -0.70 24.04 -14.91
CA GLU C 148 0.69 23.71 -15.20
C GLU C 148 1.62 24.09 -14.04
N ALA C 149 1.43 25.29 -13.47
CA ALA C 149 2.26 25.71 -12.36
C ALA C 149 2.14 24.70 -11.23
N TYR C 150 0.89 24.38 -10.87
CA TYR C 150 0.57 23.40 -9.81
C TYR C 150 1.11 21.99 -10.16
N SER C 151 0.89 21.55 -11.38
CA SER C 151 1.32 20.20 -11.84
C SER C 151 2.84 19.99 -11.75
N GLN C 152 3.58 21.00 -12.13
CA GLN C 152 5.05 20.92 -12.15
C GLN C 152 5.54 20.94 -10.74
N LEU C 153 4.89 21.74 -9.89
CA LEU C 153 5.26 21.80 -8.47
C LEU C 153 5.00 20.44 -7.83
N VAL C 154 3.93 19.76 -8.24
CA VAL C 154 3.60 18.45 -7.74
C VAL C 154 4.66 17.44 -8.16
N ALA C 155 5.08 17.49 -9.41
CA ALA C 155 6.05 16.58 -9.91
C ALA C 155 7.44 16.74 -9.22
N ALA C 156 7.84 17.95 -8.93
CA ALA C 156 9.03 18.18 -8.16
C ALA C 156 8.90 17.60 -6.72
N ILE C 157 7.72 17.65 -6.06
CA ILE C 157 7.58 17.02 -4.75
C ILE C 157 7.68 15.51 -4.88
N LYS C 158 6.90 14.91 -5.79
CA LYS C 158 6.84 13.44 -6.06
C LYS C 158 8.18 12.78 -6.39
N ARG C 159 9.06 13.45 -7.09
CA ARG C 159 10.35 12.88 -7.40
C ARG C 159 11.30 12.78 -6.12
N GLU C 160 10.92 13.49 -5.04
CA GLU C 160 11.52 13.36 -3.73
C GLU C 160 10.67 12.47 -2.75
N MET C 161 9.66 11.82 -3.29
CA MET C 161 8.83 10.91 -2.54
C MET C 161 9.19 9.51 -2.99
N LYS C 162 10.20 9.40 -3.84
CA LYS C 162 10.73 8.15 -4.38
C LYS C 162 12.24 8.26 -4.61
N PRO C 163 12.92 7.12 -4.73
CA PRO C 163 14.37 7.17 -4.95
C PRO C 163 14.62 7.78 -6.33
N ASP C 164 15.81 8.35 -6.54
CA ASP C 164 16.22 8.90 -7.82
C ASP C 164 16.32 7.86 -8.94
N ALA C 165 16.34 6.57 -8.56
CA ALA C 165 16.40 5.40 -9.48
C ALA C 165 16.52 5.72 -10.99
N VAL D 12 -34.25 4.33 8.44
CA VAL D 12 -34.72 5.78 8.48
C VAL D 12 -34.96 6.44 7.07
N PHE D 13 -34.35 5.86 6.02
CA PHE D 13 -34.53 6.29 4.60
C PHE D 13 -35.98 6.22 4.22
N GLY D 14 -36.52 7.37 3.84
CA GLY D 14 -37.95 7.53 3.68
C GLY D 14 -38.42 7.05 2.33
N GLU D 15 -39.72 7.19 2.07
CA GLU D 15 -40.28 6.87 0.77
C GLU D 15 -39.91 8.00 -0.15
N GLU D 16 -39.90 9.21 0.36
CA GLU D 16 -39.66 10.36 -0.51
C GLU D 16 -38.21 10.36 -0.96
N GLN D 17 -37.34 9.83 -0.11
CA GLN D 17 -35.95 9.61 -0.46
C GLN D 17 -35.81 8.56 -1.61
N GLU D 18 -36.33 7.37 -1.38
CA GLU D 18 -36.31 6.35 -2.39
C GLU D 18 -36.94 6.92 -3.66
N ALA D 19 -38.02 7.68 -3.51
CA ALA D 19 -38.68 8.26 -4.66
C ALA D 19 -37.83 9.27 -5.38
N LEU D 20 -37.08 10.03 -4.67
CA LEU D 20 -36.26 11.05 -5.30
C LEU D 20 -35.17 10.40 -6.24
N VAL D 21 -34.56 9.32 -5.74
CA VAL D 21 -33.64 8.50 -6.52
C VAL D 21 -34.33 7.83 -7.77
N LEU D 22 -35.49 7.28 -7.57
CA LEU D 22 -36.17 6.54 -8.62
C LEU D 22 -36.68 7.50 -9.67
N LYS D 23 -37.27 8.61 -9.29
CA LYS D 23 -37.87 9.48 -10.29
C LYS D 23 -36.81 10.14 -11.12
N SER D 24 -35.63 10.42 -10.54
CA SER D 24 -34.57 11.07 -11.36
C SER D 24 -33.88 10.04 -12.20
N TRP D 25 -33.78 8.81 -11.71
CA TRP D 25 -33.17 7.74 -12.48
C TRP D 25 -34.04 7.55 -13.73
N ALA D 26 -35.34 7.41 -13.49
CA ALA D 26 -36.34 7.25 -14.56
C ALA D 26 -36.07 8.19 -15.76
N VAL D 27 -35.83 9.44 -15.45
CA VAL D 27 -35.42 10.44 -16.40
C VAL D 27 -34.01 10.31 -16.97
N MET D 28 -33.01 9.99 -16.15
CA MET D 28 -31.64 9.98 -16.61
C MET D 28 -31.30 8.72 -17.44
N LYS D 29 -31.95 7.60 -17.15
CA LYS D 29 -31.70 6.36 -17.90
C LYS D 29 -32.16 6.44 -19.37
N LYS D 30 -32.83 7.52 -19.80
CA LYS D 30 -33.22 7.71 -21.18
C LYS D 30 -32.05 8.17 -22.04
N ASP D 31 -30.94 8.57 -21.40
CA ASP D 31 -29.78 9.00 -22.09
C ASP D 31 -28.55 8.47 -21.39
N ALA D 32 -28.64 7.23 -20.93
CA ALA D 32 -27.57 6.59 -20.15
C ALA D 32 -26.20 6.58 -20.80
N ALA D 33 -26.12 6.28 -22.09
CA ALA D 33 -24.80 6.16 -22.69
C ALA D 33 -24.02 7.48 -22.49
N ASN D 34 -24.58 8.61 -22.89
CA ASN D 34 -23.91 9.87 -22.61
C ASN D 34 -23.78 10.23 -21.11
N LEU D 35 -24.74 9.78 -20.30
CA LEU D 35 -24.73 9.99 -18.86
C LEU D 35 -23.43 9.35 -18.31
N GLY D 36 -23.22 8.10 -18.69
CA GLY D 36 -22.10 7.35 -18.22
C GLY D 36 -20.83 7.94 -18.68
N LEU D 37 -20.87 8.50 -19.90
CA LEU D 37 -19.65 9.09 -20.42
C LEU D 37 -19.30 10.37 -19.63
N ARG D 38 -20.31 11.20 -19.38
CA ARG D 38 -20.09 12.37 -18.56
C ARG D 38 -19.55 11.96 -17.19
N PHE D 39 -20.12 10.89 -16.66
CA PHE D 39 -19.81 10.38 -15.35
C PHE D 39 -18.33 10.10 -15.32
N PHE D 40 -17.85 9.39 -16.35
CA PHE D 40 -16.45 9.03 -16.38
C PHE D 40 -15.47 10.19 -16.69
N LEU D 41 -15.86 11.08 -17.57
CA LEU D 41 -15.02 12.21 -17.91
C LEU D 41 -14.78 13.04 -16.63
N LYS D 42 -15.82 13.15 -15.80
CA LYS D 42 -15.75 13.91 -14.57
C LYS D 42 -14.82 13.22 -13.58
N VAL D 43 -14.95 11.89 -13.40
CA VAL D 43 -14.04 11.17 -12.52
C VAL D 43 -12.60 11.39 -12.90
N PHE D 44 -12.32 11.26 -14.18
CA PHE D 44 -10.94 11.44 -14.70
C PHE D 44 -10.43 12.86 -14.68
N GLU D 45 -11.33 13.83 -14.61
CA GLU D 45 -10.93 15.23 -14.55
C GLU D 45 -10.47 15.51 -13.11
N ILE D 46 -11.08 14.89 -12.13
CA ILE D 46 -10.73 15.11 -10.73
C ILE D 46 -9.46 14.31 -10.42
N ALA D 47 -9.47 13.06 -10.86
CA ALA D 47 -8.34 12.16 -10.63
C ALA D 47 -7.91 11.41 -11.88
N PRO D 48 -7.10 12.02 -12.72
CA PRO D 48 -6.63 11.39 -13.97
C PRO D 48 -5.99 10.01 -13.81
N SER D 49 -5.30 9.83 -12.69
CA SER D 49 -4.64 8.62 -12.38
C SER D 49 -5.62 7.40 -12.36
N ALA D 50 -6.89 7.64 -12.12
CA ALA D 50 -7.86 6.58 -12.04
C ALA D 50 -8.13 5.92 -13.38
N LYS D 51 -7.62 6.52 -14.45
CA LYS D 51 -7.77 5.95 -15.79
C LYS D 51 -6.90 4.76 -15.96
N GLN D 52 -5.85 4.68 -15.14
CA GLN D 52 -4.88 3.59 -15.14
C GLN D 52 -5.43 2.30 -14.61
N MET D 53 -6.60 2.37 -13.99
CA MET D 53 -7.25 1.22 -13.42
C MET D 53 -7.97 0.47 -14.49
N PHE D 54 -8.39 1.14 -15.55
CA PHE D 54 -9.15 0.44 -16.57
C PHE D 54 -8.31 -0.31 -17.64
N SER D 55 -7.87 0.37 -18.69
CA SER D 55 -7.20 -0.29 -19.86
C SER D 55 -8.14 -1.03 -20.82
N GLU D 65 -13.44 6.09 -24.10
CA GLU D 65 -14.21 6.89 -25.10
C GLU D 65 -15.63 6.34 -25.19
N LYS D 66 -15.91 5.60 -26.26
CA LYS D 66 -17.16 4.84 -26.39
C LYS D 66 -16.89 3.42 -25.82
N ASN D 67 -15.88 3.26 -24.97
CA ASN D 67 -15.57 1.92 -24.49
C ASN D 67 -16.81 1.34 -23.81
N PRO D 68 -17.42 0.27 -24.37
CA PRO D 68 -18.71 -0.26 -23.88
C PRO D 68 -18.65 -0.94 -22.49
N LYS D 69 -17.47 -1.39 -22.12
CA LYS D 69 -17.19 -1.78 -20.74
C LYS D 69 -17.34 -0.58 -19.77
N LEU D 70 -16.89 0.61 -20.17
CA LEU D 70 -17.09 1.84 -19.38
C LEU D 70 -18.59 2.22 -19.25
N LYS D 71 -19.34 2.03 -20.33
CA LYS D 71 -20.78 2.24 -20.31
C LYS D 71 -21.40 1.28 -19.34
N THR D 72 -21.01 0.02 -19.40
CA THR D 72 -21.62 -0.96 -18.56
C THR D 72 -21.36 -0.70 -17.05
N HIS D 73 -20.12 -0.40 -16.74
CA HIS D 73 -19.76 -0.02 -15.41
C HIS D 73 -20.51 1.21 -14.81
N ALA D 74 -20.64 2.28 -15.59
CA ALA D 74 -21.34 3.47 -15.18
C ALA D 74 -22.77 3.16 -14.87
N MET D 75 -23.39 2.41 -15.75
CA MET D 75 -24.76 2.02 -15.55
C MET D 75 -24.87 1.15 -14.30
N SER D 76 -23.95 0.20 -14.12
CA SER D 76 -23.93 -0.57 -12.90
C SER D 76 -23.96 0.32 -11.66
N VAL D 77 -23.11 1.33 -11.62
CA VAL D 77 -23.06 2.28 -10.50
C VAL D 77 -24.43 2.88 -10.23
N PHE D 78 -25.09 3.26 -11.30
CA PHE D 78 -26.33 3.97 -11.12
C PHE D 78 -27.38 2.98 -10.72
N VAL D 79 -27.41 1.83 -11.42
CA VAL D 79 -28.51 0.83 -11.21
C VAL D 79 -28.41 0.28 -9.80
N MET D 80 -27.23 -0.14 -9.39
CA MET D 80 -27.14 -0.70 -8.06
C MET D 80 -27.30 0.36 -6.91
N THR D 81 -27.08 1.59 -7.23
CA THR D 81 -27.31 2.65 -6.29
C THR D 81 -28.78 2.83 -6.10
N CYS D 82 -29.54 2.68 -7.19
CA CYS D 82 -31.01 2.68 -7.09
C CYS D 82 -31.53 1.50 -6.31
N GLU D 83 -30.88 0.37 -6.46
CA GLU D 83 -31.30 -0.81 -5.75
C GLU D 83 -30.98 -0.65 -4.28
N ALA D 84 -29.86 -0.04 -3.94
CA ALA D 84 -29.54 0.14 -2.53
C ALA D 84 -30.53 1.07 -1.87
N ALA D 85 -31.01 2.03 -2.62
CA ALA D 85 -32.00 2.97 -2.10
C ALA D 85 -33.30 2.20 -1.80
N ALA D 86 -33.70 1.37 -2.75
CA ALA D 86 -34.85 0.51 -2.54
C ALA D 86 -34.67 -0.30 -1.27
N GLN D 87 -33.48 -0.83 -1.08
CA GLN D 87 -33.20 -1.73 0.03
C GLN D 87 -33.08 -1.01 1.37
N LEU D 88 -32.71 0.27 1.35
CA LEU D 88 -32.66 1.10 2.54
C LEU D 88 -34.10 1.45 2.96
N ARG D 89 -35.02 1.66 2.01
CA ARG D 89 -36.44 1.84 2.35
C ARG D 89 -36.93 0.61 3.10
N LYS D 90 -36.74 -0.55 2.50
CA LYS D 90 -37.29 -1.79 3.04
C LYS D 90 -36.57 -2.19 4.35
N ALA D 91 -35.39 -2.79 4.24
CA ALA D 91 -34.73 -3.40 5.39
C ALA D 91 -33.94 -2.39 6.22
N GLY D 92 -34.02 -1.10 5.91
CA GLY D 92 -33.18 -0.10 6.55
C GLY D 92 -31.65 -0.34 6.42
N LYS D 93 -31.26 -1.25 5.51
CA LYS D 93 -29.86 -1.67 5.30
C LYS D 93 -29.64 -2.23 3.92
N VAL D 94 -28.42 -2.15 3.42
CA VAL D 94 -28.14 -2.68 2.09
C VAL D 94 -28.21 -4.19 2.17
N THR D 95 -29.10 -4.77 1.36
CA THR D 95 -29.36 -6.19 1.40
C THR D 95 -29.04 -6.82 0.10
N VAL D 96 -27.91 -6.44 -0.47
CA VAL D 96 -27.51 -7.03 -1.73
C VAL D 96 -26.98 -8.47 -1.49
N ARG D 97 -27.42 -9.34 -2.39
CA ARG D 97 -26.98 -10.72 -2.49
C ARG D 97 -25.57 -10.77 -1.96
N GLU D 98 -25.37 -11.55 -0.90
CA GLU D 98 -24.05 -11.71 -0.27
C GLU D 98 -22.90 -12.11 -1.24
N THR D 99 -23.15 -12.96 -2.23
CA THR D 99 -22.10 -13.38 -3.17
C THR D 99 -21.80 -12.34 -4.24
N THR D 100 -22.76 -11.45 -4.49
CA THR D 100 -22.57 -10.33 -5.38
C THR D 100 -21.66 -9.34 -4.70
N LEU D 101 -21.91 -9.03 -3.43
CA LEU D 101 -21.05 -8.14 -2.65
C LEU D 101 -19.59 -8.66 -2.59
N LYS D 102 -19.45 -9.98 -2.43
CA LYS D 102 -18.16 -10.61 -2.12
C LYS D 102 -17.34 -10.53 -3.39
N ARG D 103 -18.02 -10.81 -4.50
CA ARG D 103 -17.47 -10.61 -5.82
C ARG D 103 -17.10 -9.10 -6.08
N LEU D 104 -18.02 -8.20 -5.75
CA LEU D 104 -17.76 -6.79 -5.85
C LEU D 104 -16.52 -6.36 -5.10
N GLY D 105 -16.39 -6.87 -3.89
CA GLY D 105 -15.28 -6.57 -3.02
C GLY D 105 -13.99 -7.01 -3.65
N ALA D 106 -14.02 -8.22 -4.19
CA ALA D 106 -12.82 -8.80 -4.73
C ALA D 106 -12.41 -8.11 -6.01
N THR D 107 -13.34 -7.81 -6.90
CA THR D 107 -12.95 -7.15 -8.14
C THR D 107 -12.29 -5.78 -7.83
N HIS D 108 -12.90 -4.98 -6.98
CA HIS D 108 -12.38 -3.64 -6.68
C HIS D 108 -11.16 -3.65 -5.85
N LEU D 109 -11.02 -4.61 -4.95
CA LEU D 109 -9.77 -4.80 -4.25
C LEU D 109 -8.69 -5.19 -5.27
N ARG D 110 -9.04 -6.08 -6.19
CA ARG D 110 -8.14 -6.54 -7.24
C ARG D 110 -7.55 -5.42 -8.14
N TYR D 111 -8.38 -4.41 -8.45
CA TYR D 111 -7.96 -3.30 -9.28
C TYR D 111 -7.46 -2.14 -8.43
N GLY D 112 -7.37 -2.26 -7.11
CA GLY D 112 -6.77 -1.22 -6.27
C GLY D 112 -7.66 0.01 -5.94
N VAL D 113 -8.95 -0.20 -5.85
CA VAL D 113 -9.88 0.88 -5.60
C VAL D 113 -9.83 1.17 -4.11
N ALA D 114 -9.44 2.34 -3.72
CA ALA D 114 -9.34 2.71 -2.31
C ALA D 114 -10.48 3.68 -1.94
N ASP D 115 -10.53 4.07 -0.67
CA ASP D 115 -11.50 5.02 -0.19
C ASP D 115 -11.60 6.26 -1.06
N GLY D 116 -10.45 6.82 -1.40
CA GLY D 116 -10.35 8.03 -2.18
C GLY D 116 -11.12 7.89 -3.47
N HIS D 117 -10.91 6.78 -4.15
CA HIS D 117 -11.59 6.47 -5.43
C HIS D 117 -13.11 6.38 -5.29
N PHE D 118 -13.61 5.77 -4.23
CA PHE D 118 -15.03 5.67 -4.02
C PHE D 118 -15.62 7.03 -3.77
N GLU D 119 -14.88 7.87 -3.09
CA GLU D 119 -15.30 9.23 -2.77
C GLU D 119 -15.30 10.18 -3.97
N VAL D 120 -14.25 10.16 -4.75
CA VAL D 120 -14.20 11.04 -5.90
C VAL D 120 -15.37 10.62 -6.82
N THR D 121 -15.60 9.32 -6.95
CA THR D 121 -16.65 8.82 -7.79
C THR D 121 -17.99 9.26 -7.27
N GLY D 122 -18.17 9.25 -5.93
CA GLY D 122 -19.44 9.69 -5.38
C GLY D 122 -19.66 11.16 -5.69
N PHE D 123 -18.58 11.96 -5.56
CA PHE D 123 -18.64 13.36 -5.86
C PHE D 123 -19.00 13.58 -7.33
N ALA D 124 -18.32 12.88 -8.21
CA ALA D 124 -18.62 12.93 -9.65
C ALA D 124 -20.02 12.49 -9.90
N LEU D 125 -20.49 11.51 -9.13
CA LEU D 125 -21.91 11.10 -9.31
C LEU D 125 -22.86 12.22 -9.14
N LEU D 126 -22.74 12.94 -8.03
CA LEU D 126 -23.66 14.01 -7.72
C LEU D 126 -23.59 15.18 -8.70
N GLU D 127 -22.37 15.53 -9.08
CA GLU D 127 -22.20 16.56 -10.08
C GLU D 127 -22.70 16.15 -11.48
N THR D 128 -22.66 14.86 -11.79
CA THR D 128 -23.11 14.42 -13.11
C THR D 128 -24.62 14.45 -13.07
N ILE D 129 -25.25 14.14 -11.94
CA ILE D 129 -26.70 14.11 -11.84
C ILE D 129 -27.18 15.54 -12.03
N LYS D 130 -26.50 16.49 -11.40
CA LYS D 130 -26.86 17.91 -11.44
C LYS D 130 -26.85 18.40 -12.90
N GLU D 131 -25.68 18.29 -13.55
CA GLU D 131 -25.49 18.60 -14.97
C GLU D 131 -26.54 17.97 -15.87
N ALA D 132 -26.82 16.68 -15.71
CA ALA D 132 -27.72 15.99 -16.67
C ALA D 132 -29.23 16.14 -16.38
N LEU D 133 -29.56 16.41 -15.11
CA LEU D 133 -30.94 16.42 -14.67
C LEU D 133 -31.54 17.80 -14.98
N PRO D 134 -32.84 17.84 -15.27
CA PRO D 134 -33.53 19.10 -15.52
C PRO D 134 -33.31 19.98 -14.26
N ALA D 135 -32.88 21.23 -14.45
CA ALA D 135 -32.63 22.15 -13.34
C ALA D 135 -33.77 22.13 -12.31
N ASP D 136 -35.02 21.98 -12.76
CA ASP D 136 -36.13 22.01 -11.80
C ASP D 136 -36.29 20.75 -11.01
N MET D 137 -35.56 19.69 -11.34
CA MET D 137 -35.60 18.52 -10.48
C MET D 137 -34.48 18.50 -9.40
N TRP D 138 -33.41 19.23 -9.64
CA TRP D 138 -32.25 19.24 -8.74
C TRP D 138 -32.56 20.05 -7.51
N SER D 139 -32.17 19.50 -6.36
CA SER D 139 -32.29 20.19 -5.11
C SER D 139 -31.33 19.58 -4.11
N LEU D 140 -31.23 20.20 -2.94
CA LEU D 140 -30.52 19.63 -1.80
C LEU D 140 -31.12 18.30 -1.32
N GLU D 141 -32.41 18.18 -1.39
CA GLU D 141 -33.05 16.95 -0.93
C GLU D 141 -32.64 15.79 -1.86
N MET D 142 -32.56 16.06 -3.15
CA MET D 142 -32.16 15.00 -4.03
C MET D 142 -30.71 14.64 -3.97
N LYS D 143 -29.86 15.62 -3.81
CA LYS D 143 -28.46 15.45 -3.61
C LYS D 143 -28.18 14.50 -2.52
N LYS D 144 -28.79 14.75 -1.38
CA LYS D 144 -28.61 13.93 -0.19
C LYS D 144 -29.08 12.51 -0.34
N ALA D 145 -30.14 12.34 -1.07
CA ALA D 145 -30.74 11.02 -1.32
C ALA D 145 -29.79 10.13 -2.15
N TRP D 146 -29.19 10.68 -3.20
CA TRP D 146 -28.23 9.95 -3.99
C TRP D 146 -26.94 9.74 -3.16
N ALA D 147 -26.56 10.71 -2.32
CA ALA D 147 -25.33 10.64 -1.53
C ALA D 147 -25.42 9.53 -0.48
N GLU D 148 -26.61 9.37 0.12
CA GLU D 148 -26.80 8.37 1.14
C GLU D 148 -26.77 6.96 0.52
N ALA D 149 -27.68 6.67 -0.43
CA ALA D 149 -27.69 5.36 -1.08
C ALA D 149 -26.30 4.91 -1.59
N TYR D 150 -25.57 5.82 -2.22
CA TYR D 150 -24.24 5.53 -2.79
C TYR D 150 -23.24 5.22 -1.67
N SER D 151 -23.19 6.08 -0.63
CA SER D 151 -22.37 5.76 0.54
C SER D 151 -22.66 4.44 1.22
N GLN D 152 -23.91 4.05 1.27
CA GLN D 152 -24.27 2.80 1.94
C GLN D 152 -23.90 1.64 1.06
N LEU D 153 -24.00 1.82 -0.25
CA LEU D 153 -23.54 0.80 -1.14
C LEU D 153 -22.03 0.61 -1.04
N VAL D 154 -21.30 1.70 -0.96
CA VAL D 154 -19.85 1.65 -0.90
C VAL D 154 -19.39 1.02 0.41
N ALA D 155 -20.12 1.31 1.49
CA ALA D 155 -19.78 0.72 2.78
C ALA D 155 -19.87 -0.80 2.79
N ALA D 156 -20.94 -1.34 2.20
CA ALA D 156 -21.12 -2.75 2.04
C ALA D 156 -20.06 -3.45 1.15
N ILE D 157 -19.64 -2.78 0.08
CA ILE D 157 -18.68 -3.37 -0.83
C ILE D 157 -17.37 -3.38 -0.08
N LYS D 158 -17.05 -2.28 0.63
CA LYS D 158 -15.81 -2.17 1.41
C LYS D 158 -15.70 -3.23 2.47
N ARG D 159 -16.83 -3.65 2.96
CA ARG D 159 -16.89 -4.67 3.99
C ARG D 159 -16.37 -6.03 3.52
N GLU D 160 -16.47 -6.31 2.21
CA GLU D 160 -15.94 -7.48 1.57
C GLU D 160 -14.58 -7.28 0.93
N MET D 161 -13.95 -6.16 1.23
CA MET D 161 -12.64 -5.83 0.75
C MET D 161 -11.67 -5.87 1.95
N LYS D 162 -12.14 -6.37 3.10
CA LYS D 162 -11.33 -6.51 4.29
C LYS D 162 -11.70 -7.79 4.98
N PRO D 163 -10.89 -8.26 5.93
CA PRO D 163 -11.30 -9.42 6.72
C PRO D 163 -12.63 -9.12 7.39
N ASP D 164 -13.39 -10.15 7.64
CA ASP D 164 -14.78 -10.02 8.08
C ASP D 164 -14.93 -9.53 9.50
N ALA D 165 -13.87 -9.63 10.29
CA ALA D 165 -13.91 -9.09 11.66
C ALA D 165 -13.34 -7.66 11.73
#